data_7QI0
#
_entry.id   7QI0
#
_cell.length_a   62.410
_cell.length_b   46.860
_cell.length_c   68.230
_cell.angle_alpha   90.000
_cell.angle_beta   92.320
_cell.angle_gamma   90.000
#
_symmetry.space_group_name_H-M   'P 1 21 1'
#
loop_
_entity.id
_entity.type
_entity.pdbx_description
1 polymer Kallikrein-6
2 non-polymer (5~{R})-3-(6-carbamimidoylpyridin-3-yl)-~{N}-[(1~{S})-1-naphthalen-1-ylpropyl]-2-oxidanylidene-1,3-oxazolidine-5-carboxamide
3 water water
#
_entity_poly.entity_id   1
_entity_poly.type   'polypeptide(L)'
_entity_poly.pdbx_seq_one_letter_code
;LVHGGPCDKTSHPYQAALYTSGHLLCGGVLIHPLWVLTAAHCKKPNLQVFLGKHNLGQQESSQEQSSVVRAVIHPDYDAA
SHDQDIMLLRLARPAKLSELIQPLPLERDCSAQTTSCHILGWGKTADGDFPDTIQCAYIHLVSREECEHAYPGQITQNML
CAGDEKYGKDSCQGDSGGPLVCGDHLRGLVSWGNIPCGSKEKPGVYTNVCRYTNWIQKTIQAK
;
_entity_poly.pdbx_strand_id   A,B
#
# COMPACT_ATOMS: atom_id res chain seq x y z
N LEU A 1 -11.65 -2.22 15.60
CA LEU A 1 -11.97 -1.04 14.81
C LEU A 1 -13.27 -1.22 14.03
N VAL A 2 -13.98 -0.12 13.81
CA VAL A 2 -15.33 -0.15 13.25
C VAL A 2 -15.26 0.25 11.77
N HIS A 3 -16.04 -0.46 10.93
CA HIS A 3 -16.23 -0.11 9.52
C HIS A 3 -15.02 -0.40 8.65
N GLY A 4 -14.12 -1.27 9.11
CA GLY A 4 -13.04 -1.73 8.23
C GLY A 4 -13.24 -3.15 7.70
N GLY A 5 -12.15 -3.88 7.47
CA GLY A 5 -12.21 -5.26 7.08
C GLY A 5 -10.88 -5.91 7.35
N PRO A 6 -10.78 -7.22 7.07
CA PRO A 6 -9.60 -7.98 7.53
C PRO A 6 -8.32 -7.64 6.75
N CYS A 7 -7.22 -7.39 7.47
CA CYS A 7 -5.96 -7.16 6.77
C CYS A 7 -5.50 -8.38 5.98
N ASP A 8 -4.54 -8.15 5.10
CA ASP A 8 -3.86 -9.26 4.45
C ASP A 8 -2.85 -9.88 5.38
N LYS A 9 -2.74 -11.20 5.30
CA LYS A 9 -1.87 -11.93 6.21
C LYS A 9 -0.47 -11.35 6.27
N THR A 10 -0.02 -10.69 5.19
CA THR A 10 1.36 -10.22 5.04
C THR A 10 1.52 -8.72 5.26
N SER A 11 0.42 -7.98 5.42
CA SER A 11 0.46 -6.53 5.44
CA SER A 11 0.47 -6.53 5.44
C SER A 11 0.57 -5.94 6.85
N HIS A 12 0.77 -6.79 7.88
CA HIS A 12 0.81 -6.21 9.23
C HIS A 12 1.84 -6.87 10.14
N PRO A 13 3.10 -6.99 9.72
CA PRO A 13 4.09 -7.78 10.50
C PRO A 13 4.56 -7.08 11.74
N TYR A 14 4.21 -5.82 11.93
CA TYR A 14 4.64 -5.07 13.10
C TYR A 14 3.58 -5.11 14.20
N GLN A 15 2.39 -5.66 13.90
CA GLN A 15 1.28 -5.61 14.84
C GLN A 15 1.44 -6.59 15.99
N ALA A 16 1.31 -6.10 17.24
CA ALA A 16 1.33 -6.97 18.43
C ALA A 16 -0.06 -7.10 19.02
N ALA A 17 -0.35 -8.26 19.62
CA ALA A 17 -1.51 -8.38 20.49
C ALA A 17 -1.05 -8.49 21.94
N LEU A 18 -1.72 -7.78 22.82
CA LEU A 18 -1.35 -7.72 24.23
C LEU A 18 -2.43 -8.43 25.04
N TYR A 19 -2.06 -9.42 25.82
CA TYR A 19 -3.03 -10.12 26.66
C TYR A 19 -2.67 -9.98 28.14
N THR A 20 -3.70 -10.07 28.99
CA THR A 20 -3.55 -10.18 30.44
C THR A 20 -4.47 -11.28 30.97
N SER A 21 -3.88 -12.23 31.69
CA SER A 21 -4.57 -13.39 32.26
C SER A 21 -5.45 -14.10 31.22
N GLY A 22 -4.99 -14.17 29.99
CA GLY A 22 -5.71 -14.90 28.97
C GLY A 22 -6.74 -14.10 28.19
N HIS A 23 -6.93 -12.81 28.51
CA HIS A 23 -7.85 -11.89 27.84
C HIS A 23 -7.10 -10.91 26.95
N LEU A 24 -7.60 -10.71 25.73
CA LEU A 24 -7.13 -9.62 24.88
C LEU A 24 -7.34 -8.32 25.61
N LEU A 25 -6.30 -7.47 25.61
CA LEU A 25 -6.33 -6.21 26.34
C LEU A 25 -6.07 -5.03 25.41
N CYS A 26 -5.07 -5.11 24.54
CA CYS A 26 -4.63 -3.99 23.72
C CYS A 26 -3.92 -4.51 22.48
N GLY A 27 -3.68 -3.60 21.54
CA GLY A 27 -2.69 -3.81 20.50
C GLY A 27 -1.36 -3.19 20.89
N GLY A 28 -0.48 -3.11 19.90
CA GLY A 28 0.87 -2.67 20.15
C GLY A 28 1.67 -2.77 18.86
N VAL A 29 2.84 -2.16 18.87
CA VAL A 29 3.66 -2.09 17.64
C VAL A 29 5.07 -2.58 17.98
N LEU A 30 5.53 -3.56 17.26
CA LEU A 30 6.93 -3.93 17.35
C LEU A 30 7.75 -2.85 16.68
N ILE A 31 8.72 -2.31 17.42
CA ILE A 31 9.58 -1.24 16.89
C ILE A 31 11.06 -1.59 17.01
N HIS A 32 11.38 -2.78 17.54
CA HIS A 32 12.75 -3.22 17.76
C HIS A 32 12.63 -4.66 18.21
N PRO A 33 13.56 -5.57 17.83
CA PRO A 33 13.39 -6.98 18.25
C PRO A 33 13.05 -7.14 19.71
N LEU A 34 13.47 -6.20 20.57
CA LEU A 34 13.32 -6.32 22.02
C LEU A 34 12.26 -5.43 22.63
N TRP A 35 11.49 -4.68 21.83
CA TRP A 35 10.62 -3.65 22.38
C TRP A 35 9.34 -3.53 21.58
N VAL A 36 8.23 -3.43 22.31
CA VAL A 36 6.90 -3.14 21.76
C VAL A 36 6.43 -1.82 22.36
N LEU A 37 5.93 -0.94 21.52
CA LEU A 37 5.29 0.29 21.91
C LEU A 37 3.78 0.07 22.02
N THR A 38 3.16 0.71 23.02
CA THR A 38 1.71 0.68 23.20
C THR A 38 1.29 1.89 24.05
N ALA A 39 0.01 1.94 24.37
CA ALA A 39 -0.56 3.03 25.14
C ALA A 39 -0.25 2.83 26.62
N ALA A 40 0.05 3.93 27.32
CA ALA A 40 0.19 3.85 28.78
C ALA A 40 -1.08 3.30 29.47
N HIS A 41 -2.30 3.56 28.96
CA HIS A 41 -3.48 3.02 29.68
C HIS A 41 -3.63 1.51 29.54
N CYS A 42 -2.70 0.85 28.84
CA CYS A 42 -2.62 -0.61 28.76
C CYS A 42 -1.77 -1.22 29.87
N LYS A 43 -1.20 -0.42 30.78
CA LYS A 43 -0.45 -1.03 31.89
C LYS A 43 -1.37 -1.99 32.68
N LYS A 44 -0.97 -3.26 32.78
CA LYS A 44 -1.65 -4.23 33.65
C LYS A 44 -0.59 -5.21 34.10
N PRO A 45 -0.78 -5.86 35.25
CA PRO A 45 0.11 -6.99 35.63
C PRO A 45 0.00 -8.14 34.63
N ASN A 46 0.97 -9.08 34.69
CA ASN A 46 0.80 -10.38 34.02
C ASN A 46 0.59 -10.27 32.48
N LEU A 47 1.40 -9.43 31.85
CA LEU A 47 1.21 -9.17 30.42
C LEU A 47 1.84 -10.27 29.55
N GLN A 48 1.20 -10.56 28.40
CA GLN A 48 1.70 -11.52 27.43
C GLN A 48 1.64 -10.90 26.06
N VAL A 49 2.77 -10.90 25.33
CA VAL A 49 2.84 -10.34 23.99
C VAL A 49 2.94 -11.46 22.93
N PHE A 50 2.05 -11.40 21.95
CA PHE A 50 1.94 -12.31 20.82
C PHE A 50 2.33 -11.54 19.59
N LEU A 51 3.31 -12.04 18.86
CA LEU A 51 3.76 -11.40 17.62
C LEU A 51 3.50 -12.39 16.50
N GLY A 52 3.42 -11.87 15.28
CA GLY A 52 3.15 -12.68 14.12
C GLY A 52 1.78 -13.30 14.11
N LYS A 53 0.83 -12.73 14.83
CA LYS A 53 -0.50 -13.32 14.82
C LYS A 53 -1.36 -12.60 13.77
N HIS A 54 -2.38 -13.31 13.28
CA HIS A 54 -3.37 -12.75 12.34
C HIS A 54 -4.79 -13.16 12.65
N GLU A 60 -1.45 -20.66 15.15
CA GLU A 60 -0.76 -20.22 13.94
C GLU A 60 0.79 -20.39 13.96
N SER A 61 1.36 -20.76 12.79
CA SER A 61 2.77 -21.14 12.65
C SER A 61 3.74 -19.96 12.81
N SER A 62 3.40 -18.80 12.25
CA SER A 62 4.29 -17.64 12.34
C SER A 62 4.24 -16.96 13.70
N GLN A 63 3.37 -17.39 14.59
CA GLN A 63 3.17 -16.65 15.83
C GLN A 63 4.24 -16.97 16.87
N GLU A 64 4.46 -16.02 17.76
CA GLU A 64 5.46 -16.09 18.80
C GLU A 64 4.95 -15.33 20.03
N GLN A 65 5.36 -15.76 21.25
CA GLN A 65 4.77 -15.24 22.48
C GLN A 65 5.86 -14.98 23.52
N SER A 66 5.74 -13.86 24.26
CA SER A 66 6.78 -13.49 25.22
C SER A 66 6.23 -12.78 26.45
N SER A 67 6.84 -13.08 27.62
CA SER A 67 6.60 -12.30 28.82
CA SER A 67 6.54 -12.27 28.78
C SER A 67 7.26 -10.93 28.72
N VAL A 68 6.79 -10.02 29.57
CA VAL A 68 7.29 -8.66 29.67
C VAL A 68 8.25 -8.59 30.84
N VAL A 69 9.42 -8.04 30.60
CA VAL A 69 10.41 -7.91 31.66
C VAL A 69 10.24 -6.59 32.38
N ARG A 70 9.68 -5.60 31.72
CA ARG A 70 9.72 -4.24 32.20
C ARG A 70 8.67 -3.53 31.39
N ALA A 71 7.82 -2.74 32.03
CA ALA A 71 6.85 -1.96 31.27
C ALA A 71 7.03 -0.51 31.69
N VAL A 72 7.59 0.32 30.79
CA VAL A 72 8.02 1.69 31.11
C VAL A 72 6.95 2.66 30.59
N ILE A 73 6.14 3.16 31.51
CA ILE A 73 5.15 4.21 31.22
C ILE A 73 5.85 5.54 31.11
N HIS A 74 5.41 6.38 30.18
CA HIS A 74 5.97 7.72 30.12
C HIS A 74 5.83 8.39 31.49
N PRO A 75 6.91 8.99 32.02
CA PRO A 75 6.86 9.72 33.31
C PRO A 75 5.75 10.75 33.45
N ASP A 76 5.35 11.38 32.35
CA ASP A 76 4.40 12.47 32.40
C ASP A 76 3.00 12.07 31.96
N TYR A 77 2.70 10.78 31.84
CA TYR A 77 1.37 10.34 31.47
C TYR A 77 0.30 10.89 32.43
N ASP A 78 -0.76 11.48 31.89
CA ASP A 78 -1.88 12.02 32.67
C ASP A 78 -3.15 11.25 32.34
N ALA A 79 -3.57 10.36 33.25
CA ALA A 79 -4.68 9.48 32.90
C ALA A 79 -5.97 10.24 32.61
N ALA A 80 -6.29 11.27 33.39
CA ALA A 80 -7.58 11.92 33.20
C ALA A 80 -7.70 12.54 31.81
N SER A 81 -6.58 12.98 31.22
CA SER A 81 -6.59 13.63 29.92
C SER A 81 -6.03 12.79 28.81
N HIS A 82 -5.45 11.61 29.11
CA HIS A 82 -4.72 10.80 28.14
C HIS A 82 -3.50 11.52 27.56
N ASP A 83 -3.05 12.65 28.16
CA ASP A 83 -1.84 13.30 27.66
C ASP A 83 -0.64 12.38 27.89
N GLN A 84 0.18 12.21 26.86
CA GLN A 84 1.43 11.41 26.95
C GLN A 84 1.13 9.91 27.12
N ASP A 85 0.21 9.43 26.29
CA ASP A 85 -0.33 8.07 26.45
C ASP A 85 0.58 7.11 25.69
N ILE A 86 1.75 6.79 26.27
CA ILE A 86 2.71 5.91 25.65
C ILE A 86 3.45 5.09 26.71
N MET A 87 3.79 3.85 26.35
CA MET A 87 4.42 2.83 27.20
C MET A 87 5.37 2.00 26.34
N LEU A 88 6.54 1.64 26.88
CA LEU A 88 7.43 0.71 26.20
C LEU A 88 7.46 -0.61 26.95
N LEU A 89 7.43 -1.72 26.21
CA LEU A 89 7.46 -3.05 26.80
C LEU A 89 8.73 -3.77 26.37
N ARG A 90 9.56 -4.16 27.35
CA ARG A 90 10.80 -4.88 27.11
C ARG A 90 10.49 -6.38 27.13
N LEU A 91 10.64 -7.03 25.97
CA LEU A 91 10.36 -8.45 25.80
C LEU A 91 11.40 -9.31 26.48
N ALA A 92 10.94 -10.40 27.10
CA ALA A 92 11.87 -11.36 27.70
C ALA A 92 12.65 -12.11 26.63
N ARG A 93 11.95 -12.51 25.56
CA ARG A 93 12.53 -13.25 24.45
C ARG A 93 12.60 -12.37 23.22
N PRO A 94 13.80 -12.11 22.70
CA PRO A 94 13.95 -11.33 21.46
C PRO A 94 12.99 -11.84 20.40
N ALA A 95 12.36 -10.93 19.66
CA ALA A 95 11.46 -11.33 18.58
C ALA A 95 12.19 -12.03 17.44
N LYS A 96 11.67 -13.17 16.96
CA LYS A 96 12.26 -13.85 15.80
C LYS A 96 11.74 -13.27 14.49
N LEU A 97 12.46 -12.30 13.94
CA LEU A 97 12.08 -11.68 12.68
C LEU A 97 11.84 -12.72 11.61
N SER A 98 10.63 -12.74 11.06
CA SER A 98 10.27 -13.82 10.13
C SER A 98 9.26 -13.35 9.08
N GLU A 99 9.44 -12.13 8.54
CA GLU A 99 8.58 -11.66 7.45
C GLU A 99 7.11 -11.54 7.82
N LEU A 100 6.61 -12.37 8.74
CA LEU A 100 5.32 -12.12 9.38
C LEU A 100 5.49 -11.37 10.69
N ILE A 101 6.75 -11.17 11.11
CA ILE A 101 7.12 -10.43 12.28
C ILE A 101 8.28 -9.51 11.90
N GLN A 102 8.03 -8.19 11.94
CA GLN A 102 8.99 -7.16 11.55
C GLN A 102 8.70 -5.91 12.35
N PRO A 103 9.73 -5.16 12.78
CA PRO A 103 9.50 -3.87 13.43
C PRO A 103 9.08 -2.84 12.38
N LEU A 104 8.46 -1.77 12.86
CA LEU A 104 8.07 -0.66 12.00
C LEU A 104 8.88 0.59 12.35
N PRO A 105 9.45 1.30 11.38
CA PRO A 105 10.17 2.53 11.70
C PRO A 105 9.27 3.64 12.18
N LEU A 106 9.80 4.42 13.10
CA LEU A 106 9.09 5.57 13.61
C LEU A 106 9.07 6.70 12.58
N GLU A 107 8.01 7.49 12.62
CA GLU A 107 8.06 8.82 12.01
C GLU A 107 8.79 9.77 12.95
N ARG A 108 9.97 10.26 12.57
CA ARG A 108 10.75 11.17 13.41
C ARG A 108 10.49 12.65 13.15
N ASP A 109 9.84 13.00 12.05
CA ASP A 109 9.60 14.39 11.71
C ASP A 109 8.14 14.74 12.00
N CYS A 110 7.91 15.57 13.02
CA CYS A 110 6.57 16.00 13.36
C CYS A 110 5.89 16.84 12.27
N SER A 111 6.62 17.27 11.24
CA SER A 111 5.99 17.98 10.12
C SER A 111 5.89 17.14 8.86
N ALA A 112 5.94 15.81 8.99
CA ALA A 112 5.84 14.95 7.82
C ALA A 112 4.52 15.21 7.10
N GLN A 113 4.58 15.24 5.78
CA GLN A 113 3.43 15.72 5.01
C GLN A 113 2.35 14.67 4.70
N THR A 114 2.66 13.37 4.69
CA THR A 114 1.62 12.37 4.42
C THR A 114 0.44 12.53 5.37
N THR A 115 -0.76 12.70 4.81
CA THR A 115 -1.99 12.69 5.61
C THR A 115 -2.86 11.47 5.34
N SER A 116 -2.48 10.57 4.41
CA SER A 116 -3.16 9.29 4.17
C SER A 116 -2.51 8.21 5.03
N CYS A 117 -3.29 7.60 5.92
CA CYS A 117 -2.79 6.62 6.87
C CYS A 117 -3.66 5.35 6.86
N HIS A 118 -3.29 4.37 7.68
CA HIS A 118 -4.23 3.32 8.04
C HIS A 118 -4.10 2.92 9.51
N ILE A 119 -5.15 2.27 10.02
CA ILE A 119 -5.16 1.75 11.39
C ILE A 119 -5.51 0.26 11.34
N LEU A 120 -5.18 -0.46 12.42
CA LEU A 120 -5.31 -1.91 12.53
C LEU A 120 -5.61 -2.31 13.96
N GLY A 121 -6.43 -3.35 14.14
CA GLY A 121 -6.56 -3.94 15.48
C GLY A 121 -7.57 -5.08 15.52
N TRP A 122 -7.63 -5.73 16.68
CA TRP A 122 -8.63 -6.75 16.98
C TRP A 122 -9.69 -6.26 17.96
N GLY A 123 -9.85 -4.93 18.08
CA GLY A 123 -10.82 -4.31 18.94
C GLY A 123 -12.22 -4.41 18.36
N LYS A 124 -13.15 -3.68 19.00
CA LYS A 124 -14.56 -3.84 18.70
C LYS A 124 -14.91 -3.44 17.27
N THR A 125 -15.67 -4.30 16.61
CA THR A 125 -16.25 -3.96 15.33
C THR A 125 -17.57 -3.22 15.58
N ALA A 126 -18.22 -2.81 14.49
CA ALA A 126 -19.38 -1.93 14.60
C ALA A 126 -20.58 -2.64 15.24
N ASP A 127 -20.72 -3.96 14.99
CA ASP A 127 -21.69 -4.83 15.64
C ASP A 127 -21.37 -5.10 17.12
N GLY A 128 -20.50 -4.31 17.74
CA GLY A 128 -20.15 -4.50 19.13
C GLY A 128 -19.44 -5.79 19.46
N ASP A 129 -19.17 -6.63 18.46
CA ASP A 129 -18.45 -7.90 18.59
C ASP A 129 -16.94 -7.68 18.52
N PHE A 130 -16.19 -8.74 18.84
CA PHE A 130 -14.74 -8.78 18.77
C PHE A 130 -14.30 -9.80 17.72
N PRO A 131 -13.46 -9.41 16.75
CA PRO A 131 -13.13 -10.26 15.62
C PRO A 131 -11.95 -11.19 15.86
N ASP A 132 -12.03 -12.41 15.33
CA ASP A 132 -10.84 -13.25 15.38
C ASP A 132 -9.75 -12.77 14.42
N THR A 133 -10.12 -12.19 13.27
CA THR A 133 -9.13 -11.82 12.27
C THR A 133 -8.89 -10.32 12.37
N ILE A 134 -7.63 -9.93 12.24
CA ILE A 134 -7.30 -8.51 12.34
C ILE A 134 -8.05 -7.65 11.32
N GLN A 135 -8.48 -6.48 11.77
CA GLN A 135 -9.21 -5.52 10.98
C GLN A 135 -8.32 -4.36 10.61
N CYS A 136 -8.60 -3.76 9.44
CA CYS A 136 -7.84 -2.70 8.80
C CYS A 136 -8.78 -1.65 8.25
N ALA A 137 -8.29 -0.40 8.24
CA ALA A 137 -9.02 0.69 7.60
C ALA A 137 -8.06 1.80 7.18
N TYR A 138 -8.32 2.42 6.01
CA TYR A 138 -7.65 3.66 5.60
C TYR A 138 -8.39 4.84 6.17
N ILE A 139 -7.66 5.79 6.77
CA ILE A 139 -8.19 7.05 7.31
C ILE A 139 -7.16 8.15 7.01
N HIS A 140 -7.51 9.40 7.34
CA HIS A 140 -6.61 10.51 7.00
C HIS A 140 -6.36 11.31 8.27
N LEU A 141 -5.18 11.94 8.32
CA LEU A 141 -4.91 12.89 9.40
C LEU A 141 -5.90 14.03 9.34
N VAL A 142 -6.19 14.61 10.48
CA VAL A 142 -7.06 15.77 10.54
C VAL A 142 -6.27 16.92 11.16
N SER A 143 -6.44 18.13 10.64
CA SER A 143 -5.65 19.26 11.09
C SER A 143 -5.87 19.54 12.59
N ARG A 144 -4.81 20.04 13.25
CA ARG A 144 -4.83 20.23 14.71
C ARG A 144 -5.94 21.18 15.14
N GLU A 145 -6.08 22.28 14.44
CA GLU A 145 -7.15 23.26 14.69
C GLU A 145 -8.53 22.62 14.59
N GLU A 146 -8.78 21.85 13.53
CA GLU A 146 -10.08 21.20 13.42
C GLU A 146 -10.26 20.18 14.56
N CYS A 147 -9.19 19.51 14.98
CA CYS A 147 -9.39 18.53 16.05
C CYS A 147 -9.61 19.23 17.41
N GLU A 148 -8.96 20.39 17.61
CA GLU A 148 -9.14 21.16 18.85
C GLU A 148 -10.58 21.62 18.98
N HIS A 149 -11.20 21.99 17.85
CA HIS A 149 -12.61 22.36 17.81
C HIS A 149 -13.50 21.16 18.09
N ALA A 150 -13.13 19.99 17.56
CA ALA A 150 -13.87 18.78 17.87
C ALA A 150 -13.90 18.52 19.38
N TYR A 151 -12.78 18.71 20.06
CA TYR A 151 -12.64 18.40 21.48
C TYR A 151 -11.98 19.60 22.18
N PRO A 152 -12.74 20.64 22.49
CA PRO A 152 -12.14 21.82 23.12
C PRO A 152 -11.49 21.43 24.45
N GLY A 153 -10.33 22.00 24.73
CA GLY A 153 -9.67 21.74 26.01
C GLY A 153 -9.00 20.39 26.14
N GLN A 154 -8.89 19.62 25.05
CA GLN A 154 -8.42 18.27 25.21
C GLN A 154 -7.32 17.85 24.28
N ILE A 155 -6.97 18.63 23.23
CA ILE A 155 -5.92 18.19 22.27
C ILE A 155 -4.61 18.92 22.58
N THR A 156 -3.57 18.17 22.96
CA THR A 156 -2.23 18.70 23.21
C THR A 156 -1.32 18.40 22.02
N GLN A 157 -0.11 19.00 22.04
CA GLN A 157 0.94 18.69 21.05
C GLN A 157 1.37 17.24 21.09
N ASN A 158 1.07 16.52 22.19
CA ASN A 158 1.40 15.11 22.29
C ASN A 158 0.34 14.23 21.62
N MET A 159 -0.70 14.83 20.99
CA MET A 159 -1.68 14.02 20.28
C MET A 159 -1.83 14.49 18.84
N LEU A 160 -2.38 13.59 18.02
CA LEU A 160 -2.72 13.76 16.61
C LEU A 160 -4.14 13.22 16.43
N CYS A 161 -4.90 13.82 15.50
CA CYS A 161 -6.23 13.30 15.18
C CYS A 161 -6.30 12.73 13.77
N ALA A 162 -7.20 11.74 13.60
CA ALA A 162 -7.30 11.02 12.31
C ALA A 162 -8.68 10.35 12.23
N GLY A 163 -9.26 10.33 11.04
CA GLY A 163 -10.64 9.87 10.91
C GLY A 163 -11.05 9.76 9.45
N ASP A 164 -12.35 9.63 9.23
CA ASP A 164 -12.84 9.36 7.88
C ASP A 164 -14.25 9.94 7.78
N GLU A 165 -14.38 11.03 7.01
CA GLU A 165 -15.65 11.73 6.93
C GLU A 165 -16.70 10.93 6.15
N LYS A 166 -16.27 10.05 5.25
CA LYS A 166 -17.25 9.36 4.39
C LYS A 166 -18.00 8.30 5.19
N TYR A 167 -17.28 7.31 5.73
CA TYR A 167 -17.90 6.16 6.37
C TYR A 167 -17.63 6.06 7.86
N GLY A 168 -16.82 6.95 8.45
CA GLY A 168 -16.59 6.92 9.87
C GLY A 168 -15.64 5.85 10.35
N LYS A 169 -14.75 5.33 9.48
CA LYS A 169 -13.78 4.31 9.88
C LYS A 169 -13.04 4.80 11.13
N ASP A 170 -12.85 3.93 12.13
CA ASP A 170 -12.32 4.41 13.40
C ASP A 170 -11.80 3.21 14.21
N SER A 171 -10.81 3.46 15.08
CA SER A 171 -10.40 2.49 16.10
C SER A 171 -11.44 2.45 17.24
N CYS A 172 -11.26 1.55 18.21
CA CYS A 172 -12.29 1.32 19.23
C CYS A 172 -11.64 0.57 20.40
N GLN A 173 -12.47 0.17 21.37
CA GLN A 173 -11.97 -0.55 22.54
C GLN A 173 -11.32 -1.87 22.14
N GLY A 174 -10.17 -2.18 22.74
CA GLY A 174 -9.36 -3.32 22.34
C GLY A 174 -8.32 -3.02 21.25
N ASP A 175 -8.43 -1.88 20.57
CA ASP A 175 -7.41 -1.44 19.61
C ASP A 175 -6.29 -0.62 20.24
N SER A 176 -6.39 -0.30 21.55
CA SER A 176 -5.49 0.68 22.18
C SER A 176 -4.02 0.35 21.91
N GLY A 177 -3.19 1.37 21.67
CA GLY A 177 -1.80 1.02 21.47
C GLY A 177 -1.44 0.54 20.09
N GLY A 178 -2.40 0.26 19.24
CA GLY A 178 -2.11 -0.18 17.88
C GLY A 178 -1.63 1.00 17.05
N PRO A 179 -1.03 0.69 15.89
CA PRO A 179 -0.36 1.71 15.08
C PRO A 179 -1.32 2.51 14.21
N LEU A 180 -1.08 3.82 14.16
CA LEU A 180 -1.48 4.66 13.05
C LEU A 180 -0.29 4.76 12.08
N VAL A 181 -0.42 4.18 10.89
CA VAL A 181 0.70 4.06 9.93
C VAL A 181 0.48 5.05 8.78
N CYS A 182 1.45 5.93 8.55
CA CYS A 182 1.43 6.90 7.46
C CYS A 182 2.77 6.87 6.73
N GLY A 183 2.71 6.66 5.41
CA GLY A 183 3.91 6.56 4.58
C GLY A 183 4.81 5.46 5.08
N ASP A 184 4.22 4.34 5.51
CA ASP A 184 4.92 3.18 6.09
C ASP A 184 5.83 3.53 7.28
N HIS A 185 5.48 4.55 8.07
CA HIS A 185 6.16 4.85 9.32
C HIS A 185 5.11 4.96 10.42
N LEU A 186 5.54 4.66 11.64
CA LEU A 186 4.66 4.75 12.80
C LEU A 186 4.39 6.21 13.12
N ARG A 187 3.18 6.69 12.85
CA ARG A 187 2.86 8.07 13.15
C ARG A 187 2.16 8.27 14.51
N GLY A 188 1.35 7.30 14.95
CA GLY A 188 0.51 7.49 16.11
C GLY A 188 0.22 6.15 16.73
N LEU A 189 -0.34 6.19 17.95
CA LEU A 189 -0.80 5.02 18.71
C LEU A 189 -2.25 5.22 19.09
N VAL A 190 -3.08 4.18 18.92
CA VAL A 190 -4.49 4.34 19.30
C VAL A 190 -4.57 4.79 20.76
N SER A 191 -5.29 5.89 21.01
CA SER A 191 -5.31 6.40 22.39
C SER A 191 -6.75 6.59 22.89
N TRP A 192 -7.54 7.50 22.30
CA TRP A 192 -8.93 7.66 22.74
C TRP A 192 -9.78 8.22 21.61
N GLY A 193 -11.07 8.43 21.87
CA GLY A 193 -11.93 8.92 20.79
C GLY A 193 -13.37 8.90 21.18
N ASN A 194 -14.25 9.05 20.18
CA ASN A 194 -15.68 9.10 20.47
C ASN A 194 -16.18 7.73 20.88
N ILE A 195 -17.23 7.73 21.70
CA ILE A 195 -17.96 6.52 22.07
C ILE A 195 -19.46 6.79 21.92
N PRO A 196 -20.23 5.96 21.16
CA PRO A 196 -19.77 4.85 20.31
C PRO A 196 -18.69 5.23 19.26
N CYS A 197 -17.83 4.24 19.01
CA CYS A 197 -16.73 4.46 18.10
C CYS A 197 -17.27 4.80 16.72
N GLY A 198 -16.52 5.61 15.98
CA GLY A 198 -17.03 6.17 14.75
C GLY A 198 -16.54 7.59 14.59
N SER A 199 -16.01 7.93 13.41
CA SER A 199 -15.29 9.18 13.24
C SER A 199 -15.94 10.15 12.26
N LYS A 200 -17.17 9.90 11.79
CA LYS A 200 -17.75 10.86 10.85
C LYS A 200 -17.96 12.24 11.47
N GLU A 201 -18.00 12.34 12.81
CA GLU A 201 -18.23 13.63 13.50
C GLU A 201 -17.05 14.08 14.32
N LYS A 202 -16.40 13.18 15.04
CA LYS A 202 -15.30 13.57 15.89
C LYS A 202 -14.20 12.56 15.56
N PRO A 203 -12.99 13.02 15.24
CA PRO A 203 -11.91 12.08 14.87
C PRO A 203 -11.37 11.27 16.03
N GLY A 204 -10.70 10.15 15.69
CA GLY A 204 -9.95 9.42 16.71
C GLY A 204 -8.71 10.21 17.11
N VAL A 205 -8.27 10.04 18.37
CA VAL A 205 -7.12 10.76 18.90
C VAL A 205 -6.01 9.76 19.16
N TYR A 206 -4.81 10.12 18.73
CA TYR A 206 -3.69 9.21 18.72
C TYR A 206 -2.49 9.88 19.42
N THR A 207 -1.75 9.09 20.16
CA THR A 207 -0.50 9.59 20.72
C THR A 207 0.43 10.00 19.58
N ASN A 208 1.09 11.15 19.72
CA ASN A 208 1.86 11.75 18.63
C ASN A 208 3.29 11.23 18.66
N VAL A 209 3.53 10.08 18.00
CA VAL A 209 4.77 9.32 18.23
C VAL A 209 6.06 10.13 17.96
N CYS A 210 6.03 11.03 16.98
CA CYS A 210 7.24 11.78 16.62
C CYS A 210 7.80 12.59 17.79
N ARG A 211 6.96 12.94 18.77
CA ARG A 211 7.40 13.72 19.92
C ARG A 211 8.17 12.89 20.94
N TYR A 212 8.20 11.56 20.79
CA TYR A 212 8.82 10.66 21.75
C TYR A 212 10.08 9.96 21.22
N THR A 213 10.63 10.39 20.08
CA THR A 213 11.87 9.81 19.59
C THR A 213 12.94 9.77 20.67
N ASN A 214 13.19 10.90 21.32
CA ASN A 214 14.30 10.91 22.27
C ASN A 214 14.00 10.06 23.50
N TRP A 215 12.76 10.06 24.00
CA TRP A 215 12.44 9.20 25.15
C TRP A 215 12.53 7.72 24.80
N ILE A 216 12.07 7.34 23.62
CA ILE A 216 12.20 5.94 23.19
C ILE A 216 13.66 5.57 23.11
N GLN A 217 14.44 6.43 22.46
CA GLN A 217 15.87 6.17 22.28
C GLN A 217 16.58 5.99 23.63
N LYS A 218 16.34 6.90 24.58
CA LYS A 218 16.97 6.79 25.90
C LYS A 218 16.61 5.49 26.60
N THR A 219 15.32 5.11 26.58
CA THR A 219 14.85 3.92 27.29
C THR A 219 15.42 2.62 26.69
N ILE A 220 15.42 2.49 25.37
CA ILE A 220 15.98 1.29 24.76
C ILE A 220 17.48 1.22 25.02
N GLN A 221 18.18 2.33 24.75
CA GLN A 221 19.64 2.30 24.71
C GLN A 221 20.25 2.29 26.11
N ALA A 222 19.49 2.73 27.13
CA ALA A 222 19.92 2.63 28.53
C ALA A 222 20.37 1.20 28.90
N LEU B 1 7.86 -6.05 -25.78
CA LEU B 1 8.00 -7.30 -25.03
C LEU B 1 8.65 -8.37 -25.87
N VAL B 2 9.40 -9.30 -25.25
CA VAL B 2 10.28 -10.19 -26.03
C VAL B 2 9.80 -11.64 -25.88
N HIS B 3 9.98 -12.45 -26.95
CA HIS B 3 9.51 -13.84 -26.99
C HIS B 3 8.01 -14.00 -26.90
N GLY B 4 7.24 -12.96 -27.26
CA GLY B 4 5.79 -13.04 -27.33
C GLY B 4 5.29 -13.18 -28.76
N GLY B 5 4.01 -12.94 -28.94
CA GLY B 5 3.43 -12.91 -30.27
C GLY B 5 2.36 -11.85 -30.29
N PRO B 6 1.77 -11.60 -31.47
CA PRO B 6 0.66 -10.63 -31.56
C PRO B 6 -0.56 -11.11 -30.78
N CYS B 7 -1.17 -10.18 -30.06
CA CYS B 7 -2.41 -10.45 -29.34
C CYS B 7 -3.57 -10.68 -30.31
N ASP B 8 -4.66 -11.28 -29.79
CA ASP B 8 -5.97 -11.22 -30.45
C ASP B 8 -6.43 -9.78 -30.51
N LYS B 9 -7.26 -9.44 -31.49
CA LYS B 9 -7.68 -8.04 -31.66
C LYS B 9 -8.69 -7.60 -30.59
N THR B 10 -9.40 -8.54 -29.98
CA THR B 10 -10.50 -8.27 -29.07
C THR B 10 -10.12 -8.46 -27.59
N SER B 11 -8.90 -8.90 -27.31
CA SER B 11 -8.50 -9.35 -26.00
CA SER B 11 -8.55 -9.35 -25.97
C SER B 11 -7.92 -8.26 -25.12
N HIS B 12 -7.75 -7.04 -25.60
CA HIS B 12 -7.01 -6.03 -24.83
C HIS B 12 -7.68 -4.66 -24.79
N PRO B 13 -8.98 -4.58 -24.54
CA PRO B 13 -9.66 -3.28 -24.70
C PRO B 13 -9.30 -2.23 -23.63
N TYR B 14 -8.58 -2.61 -22.58
CA TYR B 14 -8.14 -1.71 -21.54
C TYR B 14 -6.77 -1.12 -21.85
N GLN B 15 -6.09 -1.54 -22.93
CA GLN B 15 -4.71 -1.08 -23.18
C GLN B 15 -4.67 0.35 -23.73
N ALA B 16 -3.81 1.18 -23.17
CA ALA B 16 -3.53 2.51 -23.73
C ALA B 16 -2.14 2.60 -24.32
N ALA B 17 -1.97 3.46 -25.32
CA ALA B 17 -0.68 3.89 -25.86
C ALA B 17 -0.45 5.34 -25.46
N LEU B 18 0.72 5.64 -24.93
CA LEU B 18 1.05 6.98 -24.48
C LEU B 18 2.08 7.53 -25.45
N TYR B 19 1.77 8.69 -26.04
CA TYR B 19 2.62 9.34 -27.02
C TYR B 19 3.13 10.69 -26.52
N THR B 20 4.31 11.06 -26.98
CA THR B 20 4.78 12.42 -26.84
C THR B 20 5.61 12.77 -28.07
N SER B 21 5.41 14.00 -28.56
CA SER B 21 6.06 14.49 -29.79
C SER B 21 5.89 13.55 -30.98
N GLY B 22 4.78 12.79 -31.02
CA GLY B 22 4.42 11.93 -32.13
C GLY B 22 4.96 10.51 -32.09
N HIS B 23 5.66 10.11 -31.01
CA HIS B 23 6.28 8.81 -30.84
C HIS B 23 5.69 8.12 -29.62
N LEU B 24 5.60 6.77 -29.67
CA LEU B 24 5.25 5.97 -28.51
C LEU B 24 6.27 6.16 -27.39
N LEU B 25 5.79 6.49 -26.20
CA LEU B 25 6.60 6.58 -24.99
C LEU B 25 6.37 5.40 -24.05
N CYS B 26 5.12 5.02 -23.83
CA CYS B 26 4.77 4.06 -22.78
C CYS B 26 3.42 3.47 -23.13
N GLY B 27 3.06 2.38 -22.47
CA GLY B 27 1.69 1.93 -22.41
C GLY B 27 0.99 2.48 -21.16
N GLY B 28 -0.21 1.98 -20.93
CA GLY B 28 -1.03 2.41 -19.81
C GLY B 28 -2.25 1.53 -19.79
N VAL B 29 -3.08 1.70 -18.74
CA VAL B 29 -4.28 0.87 -18.53
C VAL B 29 -5.44 1.79 -18.25
N LEU B 30 -6.52 1.68 -19.05
CA LEU B 30 -7.74 2.40 -18.75
C LEU B 30 -8.38 1.73 -17.54
N ILE B 31 -8.60 2.47 -16.44
CA ILE B 31 -9.20 1.89 -15.22
C ILE B 31 -10.51 2.55 -14.84
N HIS B 32 -10.91 3.62 -15.54
CA HIS B 32 -12.12 4.42 -15.27
C HIS B 32 -12.32 5.26 -16.53
N PRO B 33 -13.57 5.59 -16.94
CA PRO B 33 -13.75 6.33 -18.21
C PRO B 33 -12.90 7.60 -18.33
N LEU B 34 -12.51 8.17 -17.17
CA LEU B 34 -11.76 9.41 -17.11
C LEU B 34 -10.29 9.25 -16.72
N TRP B 35 -9.82 8.02 -16.40
CA TRP B 35 -8.47 7.84 -15.85
C TRP B 35 -7.72 6.68 -16.51
N VAL B 36 -6.47 6.95 -16.87
CA VAL B 36 -5.51 5.95 -17.31
C VAL B 36 -4.40 5.85 -16.27
N LEU B 37 -4.05 4.61 -15.92
CA LEU B 37 -2.97 4.32 -14.98
C LEU B 37 -1.71 3.96 -15.77
N THR B 38 -0.56 4.51 -15.34
CA THR B 38 0.73 4.19 -15.99
C THR B 38 1.86 4.36 -14.97
N ALA B 39 3.12 4.20 -15.42
CA ALA B 39 4.29 4.30 -14.51
C ALA B 39 4.67 5.77 -14.29
N ALA B 40 5.09 6.14 -13.05
CA ALA B 40 5.57 7.51 -12.78
C ALA B 40 6.73 7.92 -13.73
N HIS B 41 7.57 6.99 -14.15
CA HIS B 41 8.73 7.38 -14.94
C HIS B 41 8.32 7.72 -16.38
N CYS B 42 7.02 7.59 -16.73
CA CYS B 42 6.46 8.07 -17.98
C CYS B 42 6.01 9.54 -17.94
N LYS B 43 6.13 10.26 -16.81
CA LYS B 43 5.69 11.67 -16.83
C LYS B 43 6.52 12.45 -17.85
N LYS B 44 5.82 13.13 -18.76
CA LYS B 44 6.42 14.10 -19.68
C LYS B 44 5.36 15.15 -20.02
N PRO B 45 5.78 16.33 -20.42
CA PRO B 45 4.85 17.32 -20.96
C PRO B 45 4.12 16.82 -22.20
N ASN B 46 2.93 17.37 -22.45
CA ASN B 46 2.23 17.23 -23.72
C ASN B 46 1.96 15.78 -24.10
N LEU B 47 1.48 15.01 -23.12
CA LEU B 47 1.15 13.60 -23.32
C LEU B 47 -0.14 13.41 -24.13
N GLN B 48 -0.11 12.46 -25.08
CA GLN B 48 -1.28 12.09 -25.87
C GLN B 48 -1.63 10.65 -25.58
N VAL B 49 -2.91 10.38 -25.21
CA VAL B 49 -3.40 9.01 -24.95
C VAL B 49 -4.21 8.47 -26.12
N PHE B 50 -3.89 7.25 -26.59
CA PHE B 50 -4.66 6.60 -27.65
C PHE B 50 -5.31 5.36 -27.04
N LEU B 51 -6.64 5.24 -27.17
CA LEU B 51 -7.43 4.09 -26.74
C LEU B 51 -7.89 3.28 -27.96
N GLY B 52 -8.28 2.02 -27.73
CA GLY B 52 -8.87 1.25 -28.81
C GLY B 52 -7.92 0.96 -29.94
N LYS B 53 -6.61 0.97 -29.68
CA LYS B 53 -5.62 0.75 -30.71
C LYS B 53 -5.09 -0.69 -30.71
N HIS B 54 -4.75 -1.18 -31.90
CA HIS B 54 -4.21 -2.54 -32.02
C HIS B 54 -2.90 -2.55 -32.79
N ASN B 55 -2.93 -1.98 -33.98
CA ASN B 55 -1.76 -1.81 -34.83
C ASN B 55 -1.39 -0.32 -34.87
N LEU B 56 -0.19 0.03 -34.40
CA LEU B 56 0.15 1.44 -34.27
C LEU B 56 0.19 2.15 -35.61
N GLY B 57 0.46 1.43 -36.71
CA GLY B 57 0.71 2.12 -37.96
C GLY B 57 -0.46 2.17 -38.93
N GLN B 58 -1.65 2.36 -38.39
CA GLN B 58 -2.93 2.28 -39.09
C GLN B 58 -3.95 3.16 -38.39
N GLN B 59 -4.86 3.76 -39.15
CA GLN B 59 -5.90 4.58 -38.54
C GLN B 59 -7.13 3.69 -38.31
N GLU B 60 -7.28 3.16 -37.10
CA GLU B 60 -8.29 2.17 -36.82
C GLU B 60 -9.63 2.83 -36.45
N SER B 61 -10.73 2.24 -36.94
CA SER B 61 -12.04 2.82 -36.64
C SER B 61 -12.34 2.79 -35.15
N SER B 62 -11.76 1.85 -34.42
CA SER B 62 -12.04 1.69 -32.99
C SER B 62 -11.24 2.66 -32.10
N GLN B 63 -10.34 3.43 -32.66
CA GLN B 63 -9.44 4.19 -31.80
C GLN B 63 -10.06 5.52 -31.39
N GLU B 64 -9.48 6.09 -30.34
CA GLU B 64 -9.86 7.38 -29.81
C GLU B 64 -8.61 8.00 -29.21
N GLN B 65 -8.49 9.33 -29.26
CA GLN B 65 -7.28 10.03 -28.83
C GLN B 65 -7.68 11.18 -27.91
N SER B 66 -7.02 11.30 -26.75
CA SER B 66 -7.36 12.37 -25.81
C SER B 66 -6.09 12.99 -25.18
N SER B 67 -6.15 14.31 -24.97
CA SER B 67 -5.14 15.01 -24.19
CA SER B 67 -5.13 14.98 -24.19
C SER B 67 -5.30 14.69 -22.71
N VAL B 68 -4.21 14.86 -21.98
CA VAL B 68 -4.12 14.68 -20.52
C VAL B 68 -4.30 16.03 -19.86
N VAL B 69 -5.22 16.14 -18.90
CA VAL B 69 -5.42 17.43 -18.24
C VAL B 69 -4.85 17.47 -16.84
N ARG B 70 -4.42 16.32 -16.33
CA ARG B 70 -3.89 16.21 -14.99
C ARG B 70 -3.02 14.97 -14.97
N ALA B 71 -1.80 15.10 -14.49
CA ALA B 71 -0.91 13.95 -14.45
C ALA B 71 -0.41 13.81 -13.02
N VAL B 72 -1.01 12.89 -12.25
CA VAL B 72 -0.78 12.77 -10.80
C VAL B 72 0.27 11.69 -10.49
N ILE B 73 1.57 12.09 -10.33
CA ILE B 73 2.59 11.12 -9.88
C ILE B 73 2.37 10.74 -8.44
N HIS B 74 2.69 9.49 -8.07
CA HIS B 74 2.64 9.14 -6.66
C HIS B 74 3.60 10.04 -5.89
N PRO B 75 3.17 10.60 -4.76
CA PRO B 75 4.01 11.55 -4.04
C PRO B 75 5.27 10.92 -3.46
N ASP B 76 5.27 9.62 -3.20
CA ASP B 76 6.44 8.94 -2.66
C ASP B 76 7.27 8.17 -3.71
N TYR B 77 7.07 8.47 -5.02
CA TYR B 77 7.88 7.86 -6.08
C TYR B 77 9.36 8.16 -5.85
N ASP B 78 10.19 7.13 -5.85
CA ASP B 78 11.64 7.24 -5.65
C ASP B 78 12.31 6.83 -6.96
N ALA B 79 12.79 7.78 -7.75
CA ALA B 79 13.29 7.43 -9.07
C ALA B 79 14.54 6.54 -9.00
N ALA B 80 15.36 6.71 -7.98
CA ALA B 80 16.62 5.98 -7.93
C ALA B 80 16.38 4.50 -7.69
N SER B 81 15.27 4.12 -7.05
CA SER B 81 14.96 2.73 -6.78
C SER B 81 13.75 2.25 -7.54
N HIS B 82 13.09 3.12 -8.28
CA HIS B 82 11.78 2.85 -8.88
C HIS B 82 10.70 2.53 -7.83
N ASP B 83 10.93 2.77 -6.54
CA ASP B 83 9.85 2.45 -5.59
C ASP B 83 8.61 3.33 -5.86
N GLN B 84 7.42 2.75 -5.79
CA GLN B 84 6.16 3.48 -5.96
C GLN B 84 6.03 4.09 -7.35
N ASP B 85 6.26 3.25 -8.37
CA ASP B 85 6.37 3.71 -9.76
C ASP B 85 4.98 3.73 -10.41
N ILE B 86 4.20 4.75 -10.06
CA ILE B 86 2.78 4.77 -10.45
C ILE B 86 2.31 6.22 -10.62
N MET B 87 1.44 6.42 -11.60
CA MET B 87 0.94 7.74 -12.05
C MET B 87 -0.49 7.60 -12.52
N LEU B 88 -1.36 8.57 -12.18
CA LEU B 88 -2.71 8.65 -12.73
C LEU B 88 -2.83 9.77 -13.76
N LEU B 89 -3.41 9.49 -14.93
CA LEU B 89 -3.65 10.49 -15.99
C LEU B 89 -5.16 10.72 -16.08
N ARG B 90 -5.58 11.96 -15.91
CA ARG B 90 -6.97 12.31 -16.14
C ARG B 90 -7.21 12.78 -17.57
N LEU B 91 -8.12 12.09 -18.25
CA LEU B 91 -8.38 12.35 -19.67
C LEU B 91 -9.22 13.60 -19.81
N ALA B 92 -8.99 14.32 -20.91
CA ALA B 92 -9.76 15.54 -21.16
C ALA B 92 -11.24 15.24 -21.28
N ARG B 93 -11.56 14.10 -21.90
CA ARG B 93 -12.91 13.68 -22.21
C ARG B 93 -13.04 12.20 -21.87
N PRO B 94 -14.14 11.79 -21.22
CA PRO B 94 -14.34 10.37 -20.93
C PRO B 94 -14.22 9.51 -22.18
N ALA B 95 -13.58 8.34 -21.99
CA ALA B 95 -13.48 7.34 -23.04
C ALA B 95 -14.86 6.91 -23.49
N LYS B 96 -15.06 6.84 -24.82
CA LYS B 96 -16.30 6.28 -25.38
C LYS B 96 -16.19 4.77 -25.35
N LEU B 97 -16.90 4.12 -24.43
CA LEU B 97 -16.68 2.70 -24.20
C LEU B 97 -17.29 1.88 -25.33
N SER B 98 -16.76 0.68 -25.53
CA SER B 98 -17.16 -0.19 -26.64
C SER B 98 -16.62 -1.58 -26.36
N GLU B 99 -16.81 -2.50 -27.32
CA GLU B 99 -16.22 -3.81 -27.12
C GLU B 99 -14.69 -3.71 -27.08
N LEU B 100 -14.13 -2.72 -27.76
CA LEU B 100 -12.69 -2.58 -27.94
C LEU B 100 -12.07 -1.47 -27.10
N ILE B 101 -12.86 -0.77 -26.29
CA ILE B 101 -12.39 0.18 -25.27
C ILE B 101 -13.17 -0.06 -23.99
N GLN B 102 -12.52 -0.61 -22.96
CA GLN B 102 -13.22 -0.88 -21.68
C GLN B 102 -12.22 -0.78 -20.53
N PRO B 103 -12.61 -0.32 -19.34
CA PRO B 103 -11.66 -0.31 -18.20
C PRO B 103 -11.39 -1.73 -17.74
N LEU B 104 -10.25 -1.92 -17.09
CA LEU B 104 -9.95 -3.19 -16.43
C LEU B 104 -10.06 -3.03 -14.93
N PRO B 105 -10.74 -3.94 -14.19
CA PRO B 105 -10.84 -3.75 -12.73
C PRO B 105 -9.50 -4.04 -12.03
N LEU B 106 -9.29 -3.33 -10.91
CA LEU B 106 -8.09 -3.49 -10.08
C LEU B 106 -8.16 -4.73 -9.21
N GLU B 107 -7.02 -5.46 -9.13
CA GLU B 107 -6.82 -6.43 -8.04
C GLU B 107 -6.71 -5.70 -6.68
N ARG B 108 -7.64 -5.98 -5.78
CA ARG B 108 -7.58 -5.30 -4.49
C ARG B 108 -6.94 -6.19 -3.42
N ASP B 109 -6.80 -7.48 -3.65
CA ASP B 109 -6.25 -8.35 -2.63
C ASP B 109 -4.79 -8.69 -2.98
N CYS B 110 -3.82 -8.18 -2.20
CA CYS B 110 -2.40 -8.49 -2.45
C CYS B 110 -2.09 -9.97 -2.32
N SER B 111 -2.88 -10.73 -1.57
CA SER B 111 -2.63 -12.15 -1.44
C SER B 111 -3.44 -12.97 -2.44
N ALA B 112 -3.90 -12.34 -3.53
CA ALA B 112 -4.73 -13.03 -4.50
C ALA B 112 -3.93 -14.14 -5.17
N GLN B 113 -4.62 -15.28 -5.37
CA GLN B 113 -3.96 -16.57 -5.58
C GLN B 113 -3.58 -16.81 -7.03
N THR B 114 -4.20 -16.12 -7.97
CA THR B 114 -3.95 -16.29 -9.40
C THR B 114 -2.53 -15.89 -9.77
N THR B 115 -1.76 -16.87 -10.24
CA THR B 115 -0.35 -16.69 -10.59
C THR B 115 -0.10 -16.81 -12.10
N SER B 116 -1.06 -17.34 -12.87
CA SER B 116 -0.95 -17.36 -14.32
C SER B 116 -1.48 -16.02 -14.82
N CYS B 117 -0.56 -15.21 -15.34
CA CYS B 117 -0.84 -13.85 -15.76
C CYS B 117 -0.48 -13.68 -17.21
N HIS B 118 -0.73 -12.49 -17.75
CA HIS B 118 -0.17 -12.16 -19.06
C HIS B 118 0.19 -10.68 -19.11
N ILE B 119 1.06 -10.34 -20.07
CA ILE B 119 1.49 -8.96 -20.28
C ILE B 119 1.25 -8.59 -21.75
N LEU B 120 1.27 -7.30 -22.02
CA LEU B 120 1.02 -6.73 -23.35
C LEU B 120 1.81 -5.44 -23.53
N GLY B 121 2.21 -5.19 -24.77
CA GLY B 121 2.74 -3.86 -25.07
C GLY B 121 3.31 -3.77 -26.48
N TRP B 122 3.69 -2.53 -26.83
CA TRP B 122 4.25 -2.18 -28.14
C TRP B 122 5.75 -1.90 -28.05
N GLY B 123 6.37 -2.26 -26.91
CA GLY B 123 7.79 -2.05 -26.73
C GLY B 123 8.65 -3.02 -27.54
N LYS B 124 9.97 -2.85 -27.38
CA LYS B 124 10.98 -3.58 -28.17
C LYS B 124 10.79 -5.10 -28.09
N THR B 125 10.92 -5.77 -29.24
CA THR B 125 10.84 -7.22 -29.32
C THR B 125 12.24 -7.82 -29.17
N ALA B 126 12.32 -9.16 -29.25
CA ALA B 126 13.60 -9.85 -29.10
C ALA B 126 14.60 -9.39 -30.16
N ASP B 127 14.14 -9.15 -31.39
CA ASP B 127 15.04 -8.66 -32.41
C ASP B 127 15.34 -7.18 -32.27
N GLY B 128 14.57 -6.44 -31.47
CA GLY B 128 15.00 -5.14 -31.01
C GLY B 128 14.42 -3.94 -31.72
N ASP B 129 13.43 -4.10 -32.60
CA ASP B 129 12.63 -2.97 -33.04
C ASP B 129 11.31 -3.01 -32.31
N PHE B 130 10.47 -2.07 -32.64
CA PHE B 130 9.21 -1.91 -32.02
C PHE B 130 8.11 -2.35 -32.97
N PRO B 131 7.25 -3.25 -32.52
CA PRO B 131 6.34 -3.92 -33.44
C PRO B 131 5.16 -3.02 -33.75
N ASP B 132 4.59 -3.20 -34.93
CA ASP B 132 3.40 -2.41 -35.27
C ASP B 132 2.19 -2.93 -34.49
N THR B 133 2.11 -4.26 -34.32
CA THR B 133 1.00 -4.93 -33.66
C THR B 133 1.36 -5.20 -32.20
N ILE B 134 0.41 -4.93 -31.31
CA ILE B 134 0.61 -5.14 -29.89
C ILE B 134 0.97 -6.60 -29.63
N GLN B 135 1.96 -6.80 -28.75
CA GLN B 135 2.45 -8.13 -28.41
C GLN B 135 1.88 -8.54 -27.06
N CYS B 136 1.84 -9.87 -26.86
CA CYS B 136 1.19 -10.55 -25.74
C CYS B 136 2.03 -11.73 -25.28
N ALA B 137 2.07 -11.97 -23.96
CA ALA B 137 2.60 -13.26 -23.55
C ALA B 137 2.06 -13.66 -22.20
N TYR B 138 2.03 -14.97 -21.97
CA TYR B 138 1.58 -15.51 -20.69
C TYR B 138 2.84 -15.63 -19.85
N ILE B 139 2.81 -15.16 -18.60
CA ILE B 139 3.94 -15.33 -17.66
C ILE B 139 3.36 -15.64 -16.28
N HIS B 140 4.24 -15.87 -15.28
CA HIS B 140 3.71 -16.19 -13.95
C HIS B 140 4.38 -15.40 -12.85
N LEU B 141 3.57 -15.08 -11.83
CA LEU B 141 4.11 -14.45 -10.62
C LEU B 141 5.25 -15.29 -10.04
N VAL B 142 6.24 -14.62 -9.55
CA VAL B 142 7.41 -15.24 -8.93
C VAL B 142 7.38 -14.90 -7.45
N SER B 143 7.79 -15.86 -6.61
CA SER B 143 7.76 -15.63 -5.18
C SER B 143 8.57 -14.37 -4.83
N ARG B 144 8.11 -13.65 -3.81
CA ARG B 144 8.87 -12.52 -3.29
C ARG B 144 10.31 -12.90 -2.89
N GLU B 145 10.47 -14.03 -2.18
CA GLU B 145 11.77 -14.63 -1.86
C GLU B 145 12.72 -14.70 -3.04
N GLU B 146 12.24 -15.37 -4.07
CA GLU B 146 12.96 -15.56 -5.32
C GLU B 146 13.49 -14.25 -5.87
N CYS B 147 12.57 -13.28 -5.96
CA CYS B 147 12.88 -12.04 -6.67
C CYS B 147 13.84 -11.18 -5.86
N GLU B 148 13.68 -11.18 -4.52
CA GLU B 148 14.61 -10.48 -3.65
C GLU B 148 16.01 -11.00 -3.87
N HIS B 149 16.14 -12.33 -3.99
CA HIS B 149 17.42 -12.95 -4.31
C HIS B 149 17.95 -12.45 -5.65
N ALA B 150 17.07 -12.33 -6.65
CA ALA B 150 17.58 -11.94 -7.96
C ALA B 150 18.00 -10.47 -7.99
N TYR B 151 17.39 -9.63 -7.15
CA TYR B 151 17.66 -8.20 -7.12
C TYR B 151 17.84 -7.81 -5.66
N PRO B 152 18.95 -8.23 -5.07
CA PRO B 152 19.14 -8.02 -3.65
C PRO B 152 19.14 -6.53 -3.30
N GLY B 153 18.47 -6.23 -2.20
CA GLY B 153 18.25 -4.87 -1.75
C GLY B 153 17.39 -4.03 -2.64
N GLN B 154 16.71 -4.54 -3.67
CA GLN B 154 15.97 -3.69 -4.59
C GLN B 154 14.46 -3.92 -4.62
N ILE B 155 13.94 -4.99 -4.03
CA ILE B 155 12.53 -5.34 -4.20
C ILE B 155 11.76 -4.90 -2.96
N THR B 156 10.85 -3.92 -3.10
CA THR B 156 10.06 -3.47 -1.96
C THR B 156 8.67 -4.10 -1.98
N GLN B 157 7.89 -3.84 -0.92
CA GLN B 157 6.49 -4.29 -0.87
C GLN B 157 5.66 -3.69 -1.99
N ASN B 158 6.14 -2.62 -2.63
CA ASN B 158 5.43 -1.94 -3.70
C ASN B 158 5.75 -2.52 -5.08
N MET B 159 6.44 -3.65 -5.12
CA MET B 159 6.74 -4.29 -6.38
C MET B 159 6.40 -5.78 -6.34
N LEU B 160 6.12 -6.28 -7.51
CA LEU B 160 5.79 -7.69 -7.74
C LEU B 160 6.65 -8.16 -8.92
N CYS B 161 7.08 -9.41 -8.88
CA CYS B 161 7.87 -9.93 -9.98
C CYS B 161 7.13 -11.01 -10.75
N ALA B 162 7.43 -11.14 -12.05
CA ALA B 162 6.71 -12.04 -12.93
C ALA B 162 7.61 -12.36 -14.12
N GLY B 163 7.56 -13.60 -14.59
CA GLY B 163 8.46 -14.01 -15.65
C GLY B 163 8.17 -15.40 -16.15
N ASP B 164 9.14 -15.98 -16.86
CA ASP B 164 8.89 -17.21 -17.61
C ASP B 164 10.20 -17.98 -17.70
N GLU B 165 10.36 -19.00 -16.83
CA GLU B 165 11.58 -19.82 -16.80
C GLU B 165 11.78 -20.63 -18.08
N LYS B 166 10.71 -20.87 -18.86
CA LYS B 166 10.84 -21.72 -20.04
C LYS B 166 11.42 -20.97 -21.25
N TYR B 167 10.88 -19.79 -21.60
CA TYR B 167 11.45 -19.05 -22.72
C TYR B 167 11.86 -17.63 -22.37
N GLY B 168 11.68 -17.20 -21.13
CA GLY B 168 12.08 -15.86 -20.75
C GLY B 168 11.22 -14.75 -21.30
N LYS B 169 9.95 -15.04 -21.62
CA LYS B 169 9.01 -14.00 -22.02
C LYS B 169 9.05 -12.85 -21.00
N ASP B 170 9.09 -11.60 -21.48
CA ASP B 170 9.35 -10.47 -20.57
C ASP B 170 8.90 -9.16 -21.21
N SER B 171 8.59 -8.15 -20.38
CA SER B 171 8.31 -6.83 -20.94
C SER B 171 9.63 -6.13 -21.20
N CYS B 172 9.60 -4.99 -21.88
CA CYS B 172 10.87 -4.37 -22.24
C CYS B 172 10.67 -2.87 -22.40
N GLN B 173 11.72 -2.16 -22.85
CA GLN B 173 11.62 -0.73 -23.14
C GLN B 173 10.46 -0.43 -24.08
N GLY B 174 9.67 0.58 -23.70
CA GLY B 174 8.46 0.94 -24.43
C GLY B 174 7.19 0.31 -23.90
N ASP B 175 7.28 -0.67 -22.98
CA ASP B 175 6.08 -1.27 -22.43
C ASP B 175 5.71 -0.65 -21.10
N SER B 176 6.55 0.25 -20.58
CA SER B 176 6.33 0.94 -19.29
C SER B 176 4.88 1.33 -19.01
N GLY B 177 4.42 1.05 -17.79
CA GLY B 177 3.05 1.35 -17.40
C GLY B 177 1.95 0.48 -17.99
N GLY B 178 2.28 -0.43 -18.91
CA GLY B 178 1.33 -1.39 -19.45
C GLY B 178 0.94 -2.42 -18.37
N PRO B 179 -0.12 -3.18 -18.60
CA PRO B 179 -0.68 -4.03 -17.55
C PRO B 179 -0.06 -5.44 -17.47
N LEU B 180 0.12 -5.89 -16.22
CA LEU B 180 0.20 -7.30 -15.87
C LEU B 180 -1.20 -7.71 -15.41
N VAL B 181 -1.84 -8.60 -16.18
CA VAL B 181 -3.23 -9.02 -15.95
C VAL B 181 -3.21 -10.43 -15.38
N CYS B 182 -3.85 -10.64 -14.23
CA CYS B 182 -4.00 -11.98 -13.65
C CYS B 182 -5.45 -12.20 -13.28
N GLY B 183 -6.09 -13.24 -13.84
CA GLY B 183 -7.50 -13.50 -13.59
C GLY B 183 -8.44 -12.38 -13.98
N ASP B 184 -8.21 -11.75 -15.12
CA ASP B 184 -8.98 -10.56 -15.51
C ASP B 184 -8.97 -9.40 -14.49
N HIS B 185 -8.01 -9.34 -13.55
CA HIS B 185 -7.78 -8.11 -12.80
C HIS B 185 -6.38 -7.55 -13.07
N LEU B 186 -6.23 -6.24 -12.93
CA LEU B 186 -4.95 -5.58 -13.06
C LEU B 186 -4.13 -5.85 -11.82
N ARG B 187 -3.03 -6.58 -11.98
CA ARG B 187 -2.18 -6.93 -10.86
C ARG B 187 -0.92 -6.07 -10.76
N GLY B 188 -0.35 -5.69 -11.91
CA GLY B 188 0.86 -4.88 -11.93
C GLY B 188 0.95 -3.95 -13.14
N LEU B 189 2.00 -3.11 -13.13
CA LEU B 189 2.33 -2.14 -14.17
C LEU B 189 3.79 -2.36 -14.53
N VAL B 190 4.08 -2.46 -15.81
CA VAL B 190 5.50 -2.59 -16.24
C VAL B 190 6.33 -1.49 -15.58
N SER B 191 7.39 -1.83 -14.83
CA SER B 191 8.22 -0.82 -14.16
C SER B 191 9.68 -0.94 -14.54
N TRP B 192 10.34 -2.07 -14.25
CA TRP B 192 11.76 -2.21 -14.61
C TRP B 192 12.10 -3.71 -14.69
N GLY B 193 13.36 -4.02 -14.96
CA GLY B 193 13.73 -5.41 -15.08
C GLY B 193 15.11 -5.54 -15.68
N ASN B 194 15.41 -6.72 -16.19
CA ASN B 194 16.74 -6.96 -16.70
C ASN B 194 16.92 -6.32 -18.08
N ILE B 195 18.17 -5.93 -18.37
CA ILE B 195 18.56 -5.36 -19.66
C ILE B 195 19.82 -6.11 -20.11
N PRO B 196 19.80 -6.81 -21.25
CA PRO B 196 18.68 -7.02 -22.19
C PRO B 196 17.48 -7.75 -21.56
N CYS B 197 16.30 -7.44 -22.10
CA CYS B 197 15.06 -7.98 -21.58
C CYS B 197 14.99 -9.50 -21.81
N GLY B 198 14.33 -10.20 -20.88
CA GLY B 198 14.30 -11.64 -20.86
C GLY B 198 14.25 -12.15 -19.43
N SER B 199 13.31 -13.04 -19.11
CA SER B 199 13.04 -13.39 -17.73
C SER B 199 13.58 -14.77 -17.30
N LYS B 200 14.44 -15.42 -18.10
CA LYS B 200 14.80 -16.78 -17.74
C LYS B 200 15.61 -16.81 -16.44
N GLU B 201 16.44 -15.78 -16.19
CA GLU B 201 17.28 -15.63 -15.01
C GLU B 201 16.71 -14.60 -14.04
N LYS B 202 16.42 -13.40 -14.50
CA LYS B 202 15.89 -12.47 -13.54
C LYS B 202 14.50 -12.02 -13.99
N PRO B 203 13.49 -12.11 -13.13
CA PRO B 203 12.12 -11.79 -13.55
C PRO B 203 11.93 -10.29 -13.75
N GLY B 204 10.87 -9.96 -14.49
CA GLY B 204 10.49 -8.56 -14.63
C GLY B 204 9.90 -8.03 -13.35
N VAL B 205 10.03 -6.72 -13.15
CA VAL B 205 9.57 -6.10 -11.91
C VAL B 205 8.39 -5.17 -12.24
N TYR B 206 7.30 -5.28 -11.48
CA TYR B 206 6.04 -4.58 -11.76
C TYR B 206 5.61 -3.80 -10.56
N THR B 207 5.00 -2.62 -10.77
CA THR B 207 4.37 -1.88 -9.68
C THR B 207 3.26 -2.75 -9.10
N ASN B 208 3.23 -2.91 -7.76
CA ASN B 208 2.29 -3.83 -7.08
C ASN B 208 0.94 -3.11 -6.90
N VAL B 209 0.03 -3.23 -7.91
CA VAL B 209 -1.14 -2.34 -7.94
C VAL B 209 -2.03 -2.52 -6.72
N CYS B 210 -2.08 -3.72 -6.14
CA CYS B 210 -2.98 -3.93 -4.98
C CYS B 210 -2.63 -3.02 -3.81
N ARG B 211 -1.43 -2.47 -3.77
CA ARG B 211 -1.07 -1.60 -2.67
C ARG B 211 -1.64 -0.23 -2.83
N TYR B 212 -2.14 0.10 -4.01
CA TYR B 212 -2.50 1.47 -4.36
C TYR B 212 -4.00 1.68 -4.49
N THR B 213 -4.83 0.71 -4.11
CA THR B 213 -6.28 0.89 -4.30
C THR B 213 -6.78 2.17 -3.60
N ASN B 214 -6.36 2.41 -2.34
CA ASN B 214 -6.86 3.59 -1.61
C ASN B 214 -6.41 4.89 -2.26
N TRP B 215 -5.12 4.97 -2.62
CA TRP B 215 -4.63 6.17 -3.28
C TRP B 215 -5.37 6.42 -4.61
N ILE B 216 -5.59 5.36 -5.40
CA ILE B 216 -6.34 5.51 -6.67
C ILE B 216 -7.77 5.96 -6.40
N GLN B 217 -8.45 5.29 -5.47
CA GLN B 217 -9.82 5.70 -5.18
C GLN B 217 -9.89 7.17 -4.72
N LYS B 218 -8.99 7.58 -3.83
CA LYS B 218 -9.01 8.95 -3.29
C LYS B 218 -8.75 9.99 -4.37
N THR B 219 -7.76 9.73 -5.24
CA THR B 219 -7.46 10.62 -6.35
C THR B 219 -8.64 10.75 -7.32
N ILE B 220 -9.24 9.62 -7.72
CA ILE B 220 -10.34 9.69 -8.68
C ILE B 220 -11.55 10.41 -8.08
N GLN B 221 -11.75 10.23 -6.77
CA GLN B 221 -12.94 10.67 -6.07
C GLN B 221 -12.81 12.12 -5.60
N ALA B 222 -11.60 12.67 -5.49
CA ALA B 222 -11.42 14.10 -5.19
C ALA B 222 -12.25 14.93 -6.20
#